data_7C7O
#
_entry.id   7C7O
#
_cell.length_a   41.251
_cell.length_b   67.585
_cell.length_c   67.913
_cell.angle_alpha   90.00
_cell.angle_beta   90.00
_cell.angle_gamma   90.00
#
_symmetry.space_group_name_H-M   'P 21 21 21'
#
loop_
_entity.id
_entity.type
_entity.pdbx_description
1 polymer 'DNA gyrase subunit B'
2 non-polymer '4-[[4-(3-azanylpropylamino)-6-fluoranyl-8-(methylamino)-2-oxidanylidene-1~{H}-quinolin-3-yl]carbonylamino]benzoic acid'
3 water water
#
_entity_poly.entity_id   1
_entity_poly.type   'polypeptide(L)'
_entity_poly.pdbx_seq_one_letter_code
;MSNSYDSSSIKVLKGLDAVRKRPGMYIGDTDDGTGLHHMVFEVVDNAIDEALAGHCKEIIVTIHADNSVSVQDDGRGIPT
GIHPEEGVSAAEVIMTVLHAGGKFDDNSYKVSGGLHGVGVSVVNALSQKLELVIQREGKIHRQIYEHGVPQAPLAVTGET
EKTGTMVRFWPSLETFTNVTEFEYEILAKRLRELSFLNSGVSIRLRDKRDGKEDHFHYEG
;
_entity_poly.pdbx_strand_id   A
#
# COMPACT_ATOMS: atom_id res chain seq x y z
N SER A 7 -2.42 -25.43 -1.42
CA SER A 7 -1.20 -25.24 -0.58
C SER A 7 -0.96 -23.76 -0.30
N SER A 8 -0.98 -22.95 -1.37
CA SER A 8 -0.82 -21.48 -1.33
C SER A 8 -1.83 -20.89 -0.34
N SER A 9 -3.13 -21.21 -0.47
CA SER A 9 -4.18 -20.66 0.43
C SER A 9 -3.77 -20.90 1.90
N ILE A 10 -3.38 -22.12 2.24
CA ILE A 10 -3.02 -22.47 3.63
C ILE A 10 -1.79 -21.65 4.03
N LYS A 11 -0.78 -21.60 3.15
CA LYS A 11 0.49 -20.87 3.36
C LYS A 11 0.22 -19.37 3.61
N VAL A 12 -0.61 -18.76 2.76
CA VAL A 12 -0.99 -17.32 2.84
C VAL A 12 -1.58 -17.05 4.21
N LEU A 13 -2.52 -17.89 4.67
CA LEU A 13 -3.25 -17.62 5.92
C LEU A 13 -2.28 -17.79 7.09
N LYS A 14 -1.38 -18.76 7.03
CA LYS A 14 -0.27 -18.94 8.02
C LYS A 14 0.58 -17.67 8.10
N GLY A 15 0.88 -17.06 6.95
CA GLY A 15 1.70 -15.83 6.91
C GLY A 15 0.97 -14.67 7.54
N LEU A 16 -0.30 -14.47 7.20
CA LEU A 16 -1.11 -13.38 7.80
C LEU A 16 -1.16 -13.55 9.31
N ASP A 17 -1.40 -14.79 9.76
CA ASP A 17 -1.49 -15.12 11.21
C ASP A 17 -0.15 -14.75 11.86
N ALA A 18 0.97 -15.13 11.24
CA ALA A 18 2.33 -14.87 11.77
C ALA A 18 2.52 -13.36 12.03
N VAL A 19 2.09 -12.54 11.08
CA VAL A 19 2.33 -11.09 11.14
C VAL A 19 1.43 -10.51 12.23
N ARG A 20 0.17 -10.94 12.29
CA ARG A 20 -0.76 -10.34 13.28
C ARG A 20 -0.35 -10.76 14.69
N LYS A 21 0.23 -11.95 14.85
CA LYS A 21 0.70 -12.48 16.16
C LYS A 21 1.97 -11.77 16.63
N ARG A 22 2.89 -11.42 15.72
CA ARG A 22 4.18 -10.78 16.13
C ARG A 22 4.48 -9.58 15.23
N PRO A 23 3.62 -8.55 15.21
CA PRO A 23 3.81 -7.41 14.31
C PRO A 23 5.15 -6.66 14.48
N GLY A 24 5.69 -6.62 15.71
CA GLY A 24 6.97 -5.97 16.03
C GLY A 24 8.13 -6.48 15.19
N MET A 25 8.06 -7.73 14.77
CA MET A 25 9.09 -8.39 13.93
C MET A 25 8.96 -7.94 12.47
N TYR A 26 7.82 -7.35 12.09
CA TYR A 26 7.53 -7.02 10.68
C TYR A 26 7.40 -5.50 10.47
N ILE A 27 6.62 -4.82 11.30
CA ILE A 27 6.30 -3.40 11.06
C ILE A 27 6.93 -2.54 12.13
N GLY A 28 7.32 -3.11 13.27
CA GLY A 28 7.94 -2.32 14.34
C GLY A 28 6.98 -2.03 15.47
N ASP A 29 7.25 -1.00 16.26
CA ASP A 29 6.52 -0.74 17.52
C ASP A 29 5.09 -0.28 17.22
N THR A 30 4.11 -0.91 17.87
CA THR A 30 2.67 -0.77 17.59
C THR A 30 2.02 0.19 18.60
N ASP A 31 2.81 0.76 19.52
CA ASP A 31 2.28 1.76 20.50
C ASP A 31 2.78 3.17 20.20
N ASP A 32 3.97 3.35 19.67
CA ASP A 32 4.64 4.68 19.66
C ASP A 32 4.52 5.36 18.29
N GLY A 33 3.79 4.78 17.35
CA GLY A 33 3.52 5.49 16.08
C GLY A 33 4.55 5.16 15.03
N THR A 34 5.69 4.57 15.39
CA THR A 34 6.75 4.19 14.40
C THR A 34 6.22 3.07 13.50
N GLY A 35 5.61 2.03 14.07
CA GLY A 35 4.98 0.99 13.25
C GLY A 35 3.91 1.57 12.35
N LEU A 36 3.05 2.41 12.91
CA LEU A 36 1.89 2.97 12.17
C LEU A 36 2.42 3.70 10.93
N HIS A 37 3.40 4.60 11.08
CA HIS A 37 3.92 5.41 9.94
C HIS A 37 4.67 4.48 8.97
N HIS A 38 5.30 3.43 9.47
CA HIS A 38 6.04 2.45 8.65
C HIS A 38 5.08 1.80 7.65
N MET A 39 3.81 1.63 8.01
CA MET A 39 2.76 1.07 7.09
C MET A 39 2.72 1.91 5.78
N VAL A 40 2.74 3.23 5.93
CA VAL A 40 2.72 4.16 4.77
C VAL A 40 4.01 3.96 3.97
N PHE A 41 5.16 3.96 4.67
CA PHE A 41 6.48 3.97 4.01
C PHE A 41 6.69 2.68 3.23
N GLU A 42 6.19 1.55 3.73
CA GLU A 42 6.30 0.29 2.95
C GLU A 42 5.54 0.41 1.62
N VAL A 43 4.31 0.89 1.66
CA VAL A 43 3.50 1.01 0.43
C VAL A 43 4.21 1.99 -0.49
N VAL A 44 4.71 3.10 0.03
CA VAL A 44 5.42 4.09 -0.83
C VAL A 44 6.67 3.46 -1.46
N ASP A 45 7.46 2.70 -0.72
CA ASP A 45 8.66 2.00 -1.26
C ASP A 45 8.27 1.16 -2.47
N ASN A 46 7.08 0.54 -2.48
CA ASN A 46 6.63 -0.24 -3.65
C ASN A 46 6.36 0.69 -4.85
N ALA A 47 5.75 1.85 -4.61
CA ALA A 47 5.48 2.85 -5.68
C ALA A 47 6.82 3.36 -6.20
N ILE A 48 7.80 3.52 -5.31
CA ILE A 48 9.14 4.03 -5.71
C ILE A 48 9.84 2.99 -6.62
N ASP A 49 9.73 1.69 -6.34
CA ASP A 49 10.27 0.62 -7.23
C ASP A 49 9.71 0.81 -8.64
N GLU A 50 8.41 1.09 -8.78
CA GLU A 50 7.77 1.23 -10.11
C GLU A 50 8.31 2.50 -10.79
N ALA A 51 8.63 3.53 -10.02
CA ALA A 51 9.31 4.74 -10.54
C ALA A 51 10.74 4.36 -10.94
N LEU A 52 11.49 3.71 -10.05
CA LEU A 52 12.88 3.28 -10.33
C LEU A 52 12.95 2.44 -11.61
N ALA A 53 11.95 1.59 -11.86
CA ALA A 53 11.89 0.77 -13.11
C ALA A 53 11.56 1.67 -14.31
N GLY A 54 11.28 2.95 -14.06
CA GLY A 54 11.11 3.96 -15.12
C GLY A 54 9.70 4.06 -15.66
N HIS A 55 8.66 3.57 -14.97
CA HIS A 55 7.27 3.63 -15.52
C HIS A 55 6.41 4.65 -14.79
N CYS A 56 6.71 4.93 -13.53
CA CYS A 56 5.92 5.83 -12.66
C CYS A 56 6.64 7.17 -12.65
N LYS A 57 5.91 8.25 -12.84
CA LYS A 57 6.49 9.62 -12.78
C LYS A 57 5.96 10.36 -11.54
N GLU A 58 4.74 10.07 -11.09
CA GLU A 58 4.10 10.82 -9.99
C GLU A 58 3.54 9.80 -8.99
N ILE A 59 3.86 10.00 -7.73
CA ILE A 59 3.24 9.26 -6.59
C ILE A 59 2.42 10.26 -5.78
N ILE A 60 1.22 9.87 -5.38
CA ILE A 60 0.35 10.75 -4.56
C ILE A 60 0.04 9.99 -3.27
N VAL A 61 0.47 10.55 -2.14
CA VAL A 61 0.19 10.01 -0.78
C VAL A 61 -0.88 10.88 -0.14
N THR A 62 -2.01 10.30 0.18
CA THR A 62 -3.14 11.08 0.76
C THR A 62 -3.44 10.55 2.15
N ILE A 63 -3.55 11.47 3.12
CA ILE A 63 -4.10 11.19 4.47
C ILE A 63 -5.59 11.57 4.40
N HIS A 64 -6.43 10.56 4.54
CA HIS A 64 -7.89 10.70 4.42
C HIS A 64 -8.44 11.10 5.81
N ALA A 65 -9.66 11.61 5.87
CA ALA A 65 -10.31 12.10 7.12
C ALA A 65 -10.68 10.92 8.03
N ASP A 66 -10.82 9.69 7.51
CA ASP A 66 -11.18 8.51 8.33
C ASP A 66 -9.92 7.80 8.85
N ASN A 67 -8.76 8.44 8.75
CA ASN A 67 -7.43 7.96 9.21
C ASN A 67 -6.96 6.76 8.39
N SER A 68 -7.37 6.66 7.13
CA SER A 68 -6.73 5.77 6.15
C SER A 68 -5.71 6.58 5.36
N VAL A 69 -4.83 5.90 4.64
CA VAL A 69 -3.81 6.53 3.76
C VAL A 69 -3.90 5.81 2.42
N SER A 70 -3.90 6.56 1.33
CA SER A 70 -3.83 5.99 0.00
C SER A 70 -2.47 6.36 -0.59
N VAL A 71 -1.95 5.46 -1.41
CA VAL A 71 -0.77 5.70 -2.26
C VAL A 71 -1.14 5.32 -3.68
N GLN A 72 -1.05 6.30 -4.57
CA GLN A 72 -1.43 6.21 -5.98
C GLN A 72 -0.14 6.37 -6.80
N ASP A 73 0.08 5.49 -7.74
CA ASP A 73 1.17 5.69 -8.74
C ASP A 73 0.51 5.69 -10.11
N ASP A 74 1.27 6.21 -11.06
CA ASP A 74 0.81 6.30 -12.45
C ASP A 74 1.69 5.35 -13.25
N GLY A 75 2.12 4.23 -12.66
CA GLY A 75 2.89 3.21 -13.41
C GLY A 75 2.00 2.30 -14.23
N ARG A 76 2.49 1.08 -14.47
CA ARG A 76 1.86 0.11 -15.39
C ARG A 76 0.57 -0.47 -14.82
N GLY A 77 0.43 -0.49 -13.50
CA GLY A 77 -0.61 -1.26 -12.83
C GLY A 77 -0.14 -2.66 -12.54
N ILE A 78 -0.31 -3.11 -11.31
CA ILE A 78 0.07 -4.51 -10.93
C ILE A 78 -0.60 -5.45 -11.92
N PRO A 79 0.13 -6.43 -12.49
CA PRO A 79 -0.49 -7.46 -13.34
C PRO A 79 -1.70 -8.14 -12.69
N THR A 80 -2.73 -8.43 -13.49
CA THR A 80 -4.10 -8.80 -13.03
C THR A 80 -4.45 -10.23 -13.46
N GLY A 81 -3.68 -10.79 -14.41
CA GLY A 81 -3.87 -12.12 -14.97
C GLY A 81 -3.75 -13.17 -13.92
N ILE A 82 -4.67 -14.13 -13.94
CA ILE A 82 -4.67 -15.27 -12.99
C ILE A 82 -3.42 -16.09 -13.25
N HIS A 83 -2.54 -16.21 -12.27
CA HIS A 83 -1.42 -17.19 -12.32
C HIS A 83 -1.99 -18.56 -12.65
N PRO A 84 -1.47 -19.24 -13.70
CA PRO A 84 -1.82 -20.64 -13.94
C PRO A 84 -1.70 -21.49 -12.65
N GLU A 85 -0.70 -21.23 -11.81
CA GLU A 85 -0.37 -22.06 -10.62
C GLU A 85 -1.31 -21.77 -9.45
N GLU A 86 -1.28 -20.54 -8.88
CA GLU A 86 -2.01 -20.21 -7.62
C GLU A 86 -3.51 -20.05 -7.90
N GLY A 87 -3.90 -19.85 -9.17
CA GLY A 87 -5.32 -19.77 -9.57
C GLY A 87 -6.03 -18.51 -9.06
N VAL A 88 -5.28 -17.48 -8.67
CA VAL A 88 -5.81 -16.11 -8.38
C VAL A 88 -4.91 -15.09 -9.08
N SER A 89 -5.44 -13.88 -9.27
CA SER A 89 -4.79 -12.75 -9.96
C SER A 89 -3.37 -12.61 -9.44
N ALA A 90 -2.44 -12.27 -10.32
CA ALA A 90 -1.04 -11.97 -9.93
C ALA A 90 -1.08 -10.90 -8.80
N ALA A 91 -2.02 -9.95 -8.88
CA ALA A 91 -2.13 -8.85 -7.90
C ALA A 91 -2.39 -9.45 -6.53
N GLU A 92 -3.35 -10.38 -6.45
CA GLU A 92 -3.72 -10.97 -5.15
C GLU A 92 -2.48 -11.70 -4.57
N VAL A 93 -1.69 -12.41 -5.36
CA VAL A 93 -0.45 -13.03 -4.85
C VAL A 93 0.46 -11.94 -4.26
N ILE A 94 0.65 -10.83 -4.96
CA ILE A 94 1.54 -9.73 -4.49
C ILE A 94 1.00 -9.17 -3.17
N MET A 95 -0.32 -9.05 -3.01
CA MET A 95 -0.95 -8.44 -1.81
C MET A 95 -0.93 -9.38 -0.61
N THR A 96 -0.76 -10.69 -0.78
CA THR A 96 -1.04 -11.68 0.28
C THR A 96 0.15 -12.57 0.65
N VAL A 97 1.15 -12.70 -0.23
CA VAL A 97 2.31 -13.61 0.02
C VAL A 97 3.43 -12.82 0.70
N LEU A 98 3.92 -13.37 1.81
CA LEU A 98 4.99 -12.82 2.68
C LEU A 98 6.32 -12.89 1.91
N HIS A 99 6.89 -11.74 1.53
CA HIS A 99 8.24 -11.60 0.91
C HIS A 99 9.21 -10.88 1.85
N HIS A 116 12.98 -3.14 7.49
CA HIS A 116 12.94 -2.45 6.16
C HIS A 116 12.72 -3.46 5.02
N GLY A 117 11.95 -3.10 3.98
CA GLY A 117 11.62 -3.98 2.83
C GLY A 117 10.84 -5.24 3.22
N VAL A 118 9.75 -5.11 3.99
CA VAL A 118 8.99 -6.23 4.65
C VAL A 118 7.88 -6.74 3.72
N GLY A 119 7.49 -5.99 2.68
CA GLY A 119 6.51 -6.41 1.67
C GLY A 119 5.11 -5.90 2.03
N VAL A 120 4.29 -5.53 1.04
CA VAL A 120 2.95 -4.93 1.25
C VAL A 120 2.01 -5.92 1.94
N SER A 121 2.24 -7.22 1.82
CA SER A 121 1.39 -8.24 2.48
C SER A 121 1.39 -8.00 4.00
N VAL A 122 2.46 -7.42 4.55
CA VAL A 122 2.53 -7.06 6.00
C VAL A 122 1.55 -5.90 6.28
N VAL A 123 1.55 -4.85 5.47
CA VAL A 123 0.56 -3.73 5.64
C VAL A 123 -0.83 -4.35 5.55
N ASN A 124 -1.04 -5.24 4.61
CA ASN A 124 -2.38 -5.82 4.36
C ASN A 124 -2.83 -6.62 5.61
N ALA A 125 -1.97 -7.48 6.12
CA ALA A 125 -2.20 -8.30 7.34
C ALA A 125 -2.66 -7.40 8.49
N LEU A 126 -2.06 -6.22 8.59
CA LEU A 126 -2.25 -5.29 9.74
C LEU A 126 -3.23 -4.18 9.43
N SER A 127 -3.99 -4.33 8.34
CA SER A 127 -5.08 -3.41 7.98
C SER A 127 -6.47 -4.06 8.19
N GLN A 128 -7.35 -3.34 8.88
CA GLN A 128 -8.76 -3.74 9.07
C GLN A 128 -9.38 -3.88 7.68
N LYS A 129 -8.98 -3.01 6.78
CA LYS A 129 -9.48 -3.01 5.39
C LYS A 129 -8.41 -2.46 4.47
N LEU A 130 -8.31 -3.01 3.27
CA LEU A 130 -7.40 -2.49 2.23
C LEU A 130 -8.14 -2.50 0.91
N GLU A 131 -8.05 -1.42 0.19
CA GLU A 131 -8.66 -1.26 -1.15
C GLU A 131 -7.52 -1.22 -2.17
N LEU A 132 -7.61 -2.08 -3.17
CA LEU A 132 -6.70 -2.10 -4.32
C LEU A 132 -7.46 -1.70 -5.60
N VAL A 133 -6.98 -0.67 -6.26
CA VAL A 133 -7.48 -0.26 -7.61
C VAL A 133 -6.33 -0.22 -8.60
N ILE A 134 -6.43 -1.04 -9.66
CA ILE A 134 -5.45 -1.18 -10.74
C ILE A 134 -6.08 -0.70 -12.06
N GLN A 135 -5.39 0.19 -12.75
CA GLN A 135 -5.76 0.62 -14.13
C GLN A 135 -4.70 0.05 -15.07
N ARG A 136 -5.12 -0.82 -15.98
CA ARG A 136 -4.12 -1.52 -16.82
C ARG A 136 -4.80 -2.14 -18.04
N GLU A 137 -4.20 -2.02 -19.23
CA GLU A 137 -4.73 -2.59 -20.50
C GLU A 137 -6.20 -2.19 -20.70
N GLY A 138 -6.55 -0.95 -20.33
CA GLY A 138 -7.86 -0.33 -20.65
C GLY A 138 -8.96 -0.66 -19.67
N LYS A 139 -8.66 -1.33 -18.55
CA LYS A 139 -9.70 -1.74 -17.56
C LYS A 139 -9.35 -1.22 -16.15
N ILE A 140 -10.36 -0.87 -15.36
CA ILE A 140 -10.21 -0.66 -13.88
C ILE A 140 -10.48 -2.01 -13.19
N HIS A 141 -9.56 -2.47 -12.36
CA HIS A 141 -9.78 -3.66 -11.50
C HIS A 141 -9.81 -3.20 -10.05
N ARG A 142 -10.68 -3.81 -9.24
CA ARG A 142 -10.79 -3.45 -7.83
C ARG A 142 -10.91 -4.71 -6.98
N GLN A 143 -10.32 -4.65 -5.79
CA GLN A 143 -10.42 -5.74 -4.81
C GLN A 143 -10.39 -5.10 -3.43
N ILE A 144 -11.16 -5.68 -2.53
CA ILE A 144 -11.22 -5.28 -1.10
C ILE A 144 -10.67 -6.45 -0.28
N TYR A 145 -9.84 -6.11 0.68
CA TYR A 145 -9.27 -7.04 1.68
C TYR A 145 -9.75 -6.63 3.07
N GLU A 146 -9.86 -7.60 3.98
CA GLU A 146 -10.11 -7.35 5.44
C GLU A 146 -9.13 -8.23 6.21
N HIS A 147 -8.27 -7.59 7.02
CA HIS A 147 -7.20 -8.29 7.76
C HIS A 147 -6.41 -9.17 6.81
N GLY A 148 -6.16 -8.67 5.60
CA GLY A 148 -5.30 -9.32 4.58
C GLY A 148 -6.03 -10.37 3.76
N VAL A 149 -7.32 -10.54 3.99
CA VAL A 149 -8.09 -11.65 3.34
C VAL A 149 -8.99 -11.05 2.27
N PRO A 150 -8.93 -11.49 1.00
CA PRO A 150 -9.73 -10.90 -0.06
C PRO A 150 -11.21 -11.25 0.09
N GLN A 151 -12.05 -10.22 0.03
CA GLN A 151 -13.52 -10.35 0.05
C GLN A 151 -14.00 -11.13 -1.17
N ALA A 152 -13.36 -10.92 -2.30
CA ALA A 152 -13.74 -11.52 -3.59
C ALA A 152 -12.53 -11.43 -4.51
N PRO A 153 -12.41 -12.28 -5.55
CA PRO A 153 -11.32 -12.15 -6.52
C PRO A 153 -11.38 -10.75 -7.16
N LEU A 154 -10.21 -10.25 -7.50
CA LEU A 154 -10.05 -9.01 -8.31
C LEU A 154 -11.06 -9.05 -9.47
N ALA A 155 -11.75 -7.93 -9.66
CA ALA A 155 -12.84 -7.80 -10.64
C ALA A 155 -12.70 -6.47 -11.39
N VAL A 156 -13.02 -6.52 -12.68
CA VAL A 156 -13.13 -5.35 -13.58
C VAL A 156 -14.37 -4.58 -13.17
N THR A 157 -14.28 -3.27 -12.98
CA THR A 157 -15.40 -2.39 -12.58
C THR A 157 -15.68 -1.33 -13.65
N GLY A 158 -14.88 -1.24 -14.71
CA GLY A 158 -15.05 -0.18 -15.72
C GLY A 158 -13.88 -0.16 -16.68
N GLU A 159 -13.88 0.77 -17.63
CA GLU A 159 -12.80 0.93 -18.63
C GLU A 159 -12.13 2.26 -18.28
N THR A 160 -10.90 2.46 -18.75
CA THR A 160 -10.06 3.64 -18.43
C THR A 160 -9.00 3.76 -19.51
N GLU A 161 -8.48 4.95 -19.72
CA GLU A 161 -7.30 5.12 -20.59
C GLU A 161 -6.07 5.18 -19.70
N LYS A 162 -6.24 5.27 -18.38
CA LYS A 162 -5.10 5.53 -17.46
C LYS A 162 -4.44 4.20 -17.12
N THR A 163 -3.24 4.30 -16.55
CA THR A 163 -2.54 3.17 -15.92
C THR A 163 -2.08 3.58 -14.52
N GLY A 164 -2.04 2.61 -13.61
CA GLY A 164 -1.45 2.80 -12.29
C GLY A 164 -2.06 1.90 -11.23
N THR A 165 -1.47 1.98 -10.05
CA THR A 165 -1.86 1.18 -8.88
C THR A 165 -2.17 2.15 -7.76
N MET A 166 -3.31 1.95 -7.08
CA MET A 166 -3.73 2.73 -5.90
C MET A 166 -3.97 1.72 -4.75
N VAL A 167 -3.30 1.91 -3.62
CA VAL A 167 -3.52 1.10 -2.38
C VAL A 167 -3.96 2.07 -1.32
N ARG A 168 -5.13 1.81 -0.76
CA ARG A 168 -5.65 2.59 0.38
C ARG A 168 -5.84 1.62 1.51
N PHE A 169 -5.34 1.94 2.69
CA PHE A 169 -5.49 1.00 3.84
C PHE A 169 -5.91 1.77 5.09
N TRP A 170 -6.65 1.03 5.90
CA TRP A 170 -7.21 1.45 7.20
C TRP A 170 -6.54 0.57 8.25
N PRO A 171 -5.53 1.09 8.99
CA PRO A 171 -4.76 0.31 9.97
C PRO A 171 -5.68 -0.30 11.03
N SER A 172 -5.44 -1.55 11.33
CA SER A 172 -6.21 -2.30 12.36
C SER A 172 -5.95 -1.70 13.74
N LEU A 173 -7.01 -1.31 14.43
CA LEU A 173 -6.96 -0.82 15.83
C LEU A 173 -6.90 -1.99 16.80
N GLU A 174 -6.94 -3.21 16.28
CA GLU A 174 -6.55 -4.42 17.05
C GLU A 174 -5.03 -4.38 17.21
N THR A 175 -4.30 -3.96 16.19
CA THR A 175 -2.82 -3.97 16.17
C THR A 175 -2.28 -2.66 16.77
N PHE A 176 -2.74 -1.50 16.30
CA PHE A 176 -2.16 -0.18 16.64
C PHE A 176 -2.96 0.45 17.79
N THR A 177 -2.23 0.89 18.81
CA THR A 177 -2.75 1.62 20.00
C THR A 177 -1.96 2.89 20.20
N ASN A 178 -2.54 3.82 20.95
CA ASN A 178 -1.86 5.02 21.48
C ASN A 178 -1.70 6.02 20.34
N VAL A 179 -0.65 5.91 19.52
CA VAL A 179 -0.53 6.73 18.29
C VAL A 179 -1.26 6.01 17.16
N THR A 180 -2.49 6.43 16.89
CA THR A 180 -3.36 5.80 15.86
C THR A 180 -3.68 6.79 14.74
N GLU A 181 -3.26 8.03 14.82
CA GLU A 181 -3.57 9.02 13.78
C GLU A 181 -2.27 9.36 13.06
N PHE A 182 -2.27 9.47 11.73
CA PHE A 182 -1.04 9.83 10.99
C PHE A 182 -0.68 11.29 11.24
N GLU A 183 0.61 11.57 11.39
CA GLU A 183 1.16 12.92 11.63
C GLU A 183 1.78 13.37 10.32
N TYR A 184 1.31 14.50 9.84
CA TYR A 184 1.70 15.04 8.52
C TYR A 184 3.22 15.17 8.46
N GLU A 185 3.82 15.75 9.51
CA GLU A 185 5.25 16.10 9.57
C GLU A 185 6.08 14.83 9.41
N ILE A 186 5.64 13.72 10.01
CA ILE A 186 6.40 12.46 9.98
C ILE A 186 6.39 11.92 8.54
N LEU A 187 5.24 11.96 7.86
CA LEU A 187 5.20 11.49 6.46
C LEU A 187 6.01 12.48 5.63
N ALA A 188 5.89 13.78 5.88
CA ALA A 188 6.60 14.80 5.06
C ALA A 188 8.11 14.54 5.10
N LYS A 189 8.65 14.30 6.28
CA LYS A 189 10.12 14.20 6.43
C LYS A 189 10.60 13.01 5.59
N ARG A 190 9.89 11.89 5.67
CA ARG A 190 10.37 10.67 5.00
C ARG A 190 10.17 10.79 3.48
N LEU A 191 9.05 11.35 3.03
CA LEU A 191 8.79 11.50 1.58
C LEU A 191 9.85 12.45 1.01
N ARG A 192 10.17 13.52 1.73
CA ARG A 192 11.21 14.46 1.26
C ARG A 192 12.52 13.68 1.17
N GLU A 193 12.82 12.88 2.19
CA GLU A 193 14.05 12.07 2.15
C GLU A 193 14.01 11.09 0.96
N LEU A 194 12.88 10.41 0.72
CA LEU A 194 12.85 9.43 -0.40
C LEU A 194 13.03 10.13 -1.75
N SER A 195 12.53 11.35 -1.87
CA SER A 195 12.66 12.13 -3.12
C SER A 195 14.13 12.55 -3.32
N PHE A 196 14.86 12.78 -2.25
CA PHE A 196 16.30 13.11 -2.29
C PHE A 196 17.09 11.89 -2.74
N LEU A 197 16.73 10.72 -2.24
CA LEU A 197 17.47 9.49 -2.58
C LEU A 197 17.13 9.05 -4.01
N ASN A 198 15.99 9.42 -4.56
CA ASN A 198 15.51 8.85 -5.84
C ASN A 198 15.29 10.02 -6.78
N SER A 199 16.36 10.64 -7.30
CA SER A 199 16.23 11.85 -8.15
C SER A 199 15.27 11.55 -9.28
N GLY A 200 14.40 12.51 -9.56
CA GLY A 200 13.46 12.36 -10.68
C GLY A 200 12.08 11.91 -10.22
N VAL A 201 11.96 11.12 -9.15
CA VAL A 201 10.60 10.75 -8.65
C VAL A 201 9.99 12.00 -8.03
N SER A 202 8.72 12.19 -8.30
CA SER A 202 7.90 13.32 -7.85
C SER A 202 6.84 12.77 -6.88
N ILE A 203 6.82 13.26 -5.66
CA ILE A 203 5.87 12.84 -4.60
C ILE A 203 5.01 14.02 -4.15
N ARG A 204 3.71 13.79 -4.20
CA ARG A 204 2.68 14.70 -3.65
C ARG A 204 2.27 14.09 -2.31
N LEU A 205 2.20 14.94 -1.28
CA LEU A 205 1.58 14.53 -0.02
C LEU A 205 0.41 15.50 0.18
N ARG A 206 -0.77 14.96 0.50
CA ARG A 206 -1.97 15.80 0.74
C ARG A 206 -2.73 15.29 1.95
N ASP A 207 -3.13 16.21 2.81
CA ASP A 207 -3.90 15.89 4.04
C ASP A 207 -5.31 16.35 3.84
N LYS A 208 -6.25 15.42 3.64
CA LYS A 208 -7.67 15.76 3.42
C LYS A 208 -8.26 16.34 4.71
N ARG A 209 -7.64 16.13 5.87
CA ARG A 209 -8.19 16.62 7.17
C ARG A 209 -8.14 18.15 7.21
N ASP A 210 -7.15 18.79 6.57
CA ASP A 210 -7.01 20.26 6.65
C ASP A 210 -6.53 20.89 5.34
N GLY A 211 -6.43 20.11 4.25
CA GLY A 211 -6.01 20.61 2.93
C GLY A 211 -4.52 20.91 2.82
N LYS A 212 -3.69 20.55 3.80
CA LYS A 212 -2.25 20.84 3.66
C LYS A 212 -1.69 19.98 2.53
N GLU A 213 -0.78 20.49 1.71
CA GLU A 213 -0.06 19.62 0.75
C GLU A 213 1.38 20.07 0.52
N ASP A 214 2.18 19.18 -0.04
CA ASP A 214 3.61 19.39 -0.30
C ASP A 214 3.92 18.62 -1.56
N HIS A 215 4.96 19.04 -2.26
CA HIS A 215 5.44 18.39 -3.48
C HIS A 215 6.94 18.21 -3.32
N PHE A 216 7.42 16.99 -3.36
CA PHE A 216 8.84 16.68 -3.11
C PHE A 216 9.42 16.15 -4.39
N HIS A 217 10.51 16.78 -4.80
CA HIS A 217 11.17 16.53 -6.10
C HIS A 217 12.56 17.13 -6.03
N TYR A 218 13.56 16.37 -6.44
CA TYR A 218 15.00 16.79 -6.43
C TYR A 218 15.57 16.81 -7.85
#